data_5GIM
#
_entry.id   5GIM
#
_cell.length_a   69.470
_cell.length_b   71.580
_cell.length_c   71.720
_cell.angle_alpha   90.000
_cell.angle_beta   99.860
_cell.angle_gamma   90.000
#
_symmetry.space_group_name_H-M   'C 1 2 1'
#
loop_
_entity.id
_entity.type
_entity.pdbx_description
1 polymer 'Thrombin light chain'
2 polymer 'thrombin heavy chain'
3 polymer 'N-terminal peptide from Putative uncharacterized protein avahiru'
4 polymer 'C-terminal peptide from Putative uncharacterized protein avahiru'
5 water water
#
loop_
_entity_poly.entity_id
_entity_poly.type
_entity_poly.pdbx_seq_one_letter_code
_entity_poly.pdbx_strand_id
1 'polypeptide(L)' TFGSGEADCGLRPLFEKKSLEDKTERELLESYIDGR A
2 'polypeptide(L)'
;IVEGSDAEIGMSPWQVMLFRKSPQELLCGASLISDRWVLTAAHCLLYPPWDKNFTENDLLVRIGKHSRTRYERNIEKISM
LEKIYIHPRYNWRENLDRDIALMKLKKPVAFSDYIHPVCLPDRETAASLLQAGYKGRVTGWGNLKETWTANVGKGQPSVL
QVVNLPIVERPVCKDSTRIRITDNMFCAGYKPDEGKRGDACEGDSGGPFVMKSPFNNRWYQMGIVSWGEGCDRDGKYGFY
THVFRLKKWIQKVIDQFGE
;
B
3 'polypeptide(L)' SGGHQTAVPK C
4 'polypeptide(L)' ISKQGLGGDFEEIPSDEIIE D
#
# COMPACT_ATOMS: atom_id res chain seq x y z
N SER A 4 -19.55 -0.16 8.69
CA SER A 4 -20.44 -1.23 8.14
C SER A 4 -19.76 -2.13 7.11
N GLY A 5 -18.82 -1.58 6.32
CA GLY A 5 -18.02 -2.35 5.36
C GLY A 5 -17.07 -3.40 5.94
N GLU A 6 -16.87 -3.38 7.27
CA GLU A 6 -16.07 -4.40 7.98
C GLU A 6 -16.51 -5.83 7.65
N ALA A 7 -17.81 -6.10 7.75
CA ALA A 7 -18.36 -7.45 7.52
C ALA A 7 -17.77 -8.13 6.29
N ASP A 8 -17.71 -7.39 5.19
CA ASP A 8 -17.28 -7.95 3.92
C ASP A 8 -15.84 -7.62 3.51
N CYS A 9 -15.03 -7.11 4.44
CA CYS A 9 -13.67 -6.67 4.11
C CYS A 9 -12.83 -7.83 3.57
N GLY A 10 -11.94 -7.52 2.64
CA GLY A 10 -10.91 -8.46 2.20
C GLY A 10 -11.38 -9.61 1.34
N LEU A 11 -12.63 -9.54 0.87
CA LEU A 11 -13.21 -10.54 0.00
C LEU A 11 -13.51 -9.85 -1.34
N ARG A 12 -12.72 -10.23 -2.34
CA ARG A 12 -12.70 -9.56 -3.63
C ARG A 12 -13.85 -10.02 -4.49
N PRO A 13 -14.62 -9.07 -5.05
CA PRO A 13 -15.72 -9.47 -5.91
C PRO A 13 -15.35 -10.43 -7.05
N LEU A 14 -14.19 -10.22 -7.68
CA LEU A 14 -13.84 -11.04 -8.84
C LEU A 14 -13.06 -12.32 -8.49
N PHE A 15 -12.77 -12.54 -7.20
CA PHE A 15 -12.04 -13.71 -6.76
C PHE A 15 -12.80 -14.48 -5.66
N GLU A 16 -12.59 -14.10 -4.39
CA GLU A 16 -13.20 -14.82 -3.26
C GLU A 16 -14.71 -14.94 -3.38
N LYS A 17 -15.36 -13.84 -3.76
CA LYS A 17 -16.82 -13.82 -3.87
C LYS A 17 -17.35 -14.80 -4.91
N LYS A 18 -16.58 -15.04 -5.96
CA LYS A 18 -16.92 -16.02 -6.99
C LYS A 18 -16.18 -17.36 -6.85
N SER A 19 -15.45 -17.55 -5.77
CA SER A 19 -14.58 -18.70 -5.58
C SER A 19 -13.62 -18.94 -6.76
N LEU A 20 -13.05 -17.86 -7.27
CA LEU A 20 -11.97 -17.92 -8.25
C LEU A 20 -10.68 -17.51 -7.55
N GLU A 21 -9.57 -18.12 -7.93
CA GLU A 21 -8.25 -17.84 -7.36
C GLU A 21 -7.44 -17.04 -8.35
N ASP A 22 -6.68 -16.07 -7.87
CA ASP A 22 -5.73 -15.37 -8.74
C ASP A 22 -4.52 -16.28 -8.98
N LYS A 23 -3.70 -15.91 -9.93
CA LYS A 23 -2.64 -16.80 -10.41
C LYS A 23 -1.46 -17.00 -9.45
N THR A 24 -1.31 -16.16 -8.42
CA THR A 24 -0.17 -16.32 -7.50
C THR A 24 -0.53 -16.38 -6.02
N GLU A 25 -1.82 -16.39 -5.67
CA GLU A 25 -2.18 -16.44 -4.25
C GLU A 25 -1.75 -17.76 -3.56
N ARG A 26 -1.74 -18.86 -4.31
CA ARG A 26 -1.22 -20.13 -3.81
C ARG A 26 0.23 -20.03 -3.28
N GLU A 27 1.08 -19.24 -3.95
CA GLU A 27 2.44 -18.95 -3.47
C GLU A 27 2.40 -18.43 -2.05
N LEU A 28 1.44 -17.55 -1.74
CA LEU A 28 1.27 -17.05 -0.37
C LEU A 28 0.89 -18.16 0.60
N LEU A 29 -0.18 -18.88 0.27
CA LEU A 29 -0.64 -19.98 1.08
C LEU A 29 0.47 -21.01 1.37
N GLU A 30 1.28 -21.28 0.35
CA GLU A 30 2.31 -22.30 0.49
C GLU A 30 3.42 -21.86 1.45
N SER A 31 3.63 -20.56 1.58
CA SER A 31 4.60 -20.00 2.53
C SER A 31 4.12 -20.04 3.98
N TYR A 32 2.83 -20.27 4.21
CA TYR A 32 2.30 -20.23 5.56
C TYR A 32 2.45 -21.61 6.21
N ILE A 33 3.70 -21.91 6.57
CA ILE A 33 4.22 -23.18 7.17
C ILE A 33 4.69 -24.12 6.07
N ILE B 1 7.17 -0.97 -8.87
CA ILE B 1 7.53 -2.36 -8.44
C ILE B 1 8.60 -2.88 -9.39
N VAL B 2 9.70 -3.37 -8.81
CA VAL B 2 10.77 -4.02 -9.58
C VAL B 2 10.58 -5.53 -9.55
N GLU B 3 10.74 -6.16 -10.73
CA GLU B 3 10.68 -7.61 -10.92
C GLU B 3 9.33 -8.21 -10.50
N GLY B 4 8.25 -7.47 -10.76
CA GLY B 4 6.90 -7.94 -10.49
C GLY B 4 6.20 -8.28 -11.79
N SER B 5 4.89 -8.37 -11.75
CA SER B 5 4.13 -8.63 -12.96
C SER B 5 2.89 -7.77 -12.98
N ASP B 6 2.20 -7.77 -14.13
CA ASP B 6 0.93 -7.05 -14.26
C ASP B 6 -0.10 -7.69 -13.36
N ALA B 7 -0.78 -6.86 -12.57
CA ALA B 7 -1.93 -7.28 -11.80
C ALA B 7 -3.02 -7.86 -12.69
N GLU B 8 -3.78 -8.81 -12.15
CA GLU B 8 -5.02 -9.23 -12.79
C GLU B 8 -6.12 -8.19 -12.53
N ILE B 9 -7.14 -8.20 -13.37
CA ILE B 9 -8.28 -7.29 -13.20
C ILE B 9 -8.97 -7.63 -11.88
N GLY B 10 -9.18 -6.63 -11.03
CA GLY B 10 -9.86 -6.81 -9.77
C GLY B 10 -9.06 -7.56 -8.71
N MET B 11 -7.76 -7.72 -8.94
CA MET B 11 -6.86 -8.46 -8.05
C MET B 11 -6.63 -7.74 -6.73
N SER B 12 -6.68 -6.41 -6.78
CA SER B 12 -6.36 -5.56 -5.63
C SER B 12 -7.35 -4.40 -5.58
N PRO B 13 -8.63 -4.72 -5.31
CA PRO B 13 -9.71 -3.72 -5.39
C PRO B 13 -9.68 -2.62 -4.31
N TRP B 14 -8.81 -2.80 -3.31
CA TRP B 14 -8.51 -1.79 -2.29
C TRP B 14 -7.37 -0.83 -2.69
N GLN B 15 -6.75 -1.01 -3.87
CA GLN B 15 -5.62 -0.18 -4.28
C GLN B 15 -6.11 1.21 -4.60
N VAL B 16 -5.41 2.21 -4.10
CA VAL B 16 -5.76 3.59 -4.33
C VAL B 16 -4.53 4.28 -4.91
N MET B 17 -4.75 5.14 -5.90
CA MET B 17 -3.73 6.07 -6.37
C MET B 17 -3.93 7.44 -5.72
N LEU B 18 -2.86 7.94 -5.10
CA LEU B 18 -2.78 9.33 -4.66
C LEU B 18 -2.22 10.10 -5.83
N PHE B 19 -3.01 11.06 -6.31
CA PHE B 19 -2.75 11.74 -7.55
C PHE B 19 -2.64 13.24 -7.31
N ARG B 20 -1.50 13.82 -7.66
N ARG B 20 -1.50 13.82 -7.66
CA ARG B 20 -1.27 15.25 -7.57
CA ARG B 20 -1.29 15.26 -7.56
C ARG B 20 -2.05 15.95 -8.69
C ARG B 20 -2.05 15.94 -8.69
N LYS B 21 -2.74 17.04 -8.36
CA LYS B 21 -3.54 17.79 -9.35
C LYS B 21 -2.66 18.51 -10.39
N SER B 22 -1.68 19.27 -9.91
CA SER B 22 -0.83 20.12 -10.75
C SER B 22 0.59 20.20 -10.17
N PRO B 23 1.62 19.78 -10.91
CA PRO B 23 1.51 18.95 -12.12
C PRO B 23 0.82 17.62 -11.88
N GLN B 24 0.26 17.05 -12.95
CA GLN B 24 -0.39 15.74 -12.88
C GLN B 24 0.66 14.67 -12.63
N GLU B 25 0.55 14.01 -11.48
CA GLU B 25 1.63 13.16 -10.98
C GLU B 25 1.04 12.07 -10.11
N LEU B 26 1.54 10.85 -10.28
CA LEU B 26 1.40 9.81 -9.29
C LEU B 26 2.22 10.25 -8.10
N LEU B 27 1.61 10.34 -6.93
CA LEU B 27 2.36 10.65 -5.71
C LEU B 27 2.74 9.41 -4.94
N CYS B 28 1.81 8.48 -4.81
CA CYS B 28 1.97 7.38 -3.86
C CYS B 28 0.81 6.44 -4.08
N GLY B 29 0.96 5.21 -3.58
CA GLY B 29 -0.16 4.31 -3.40
C GLY B 29 -0.82 4.59 -2.08
N ALA B 30 -1.93 3.91 -1.87
CA ALA B 30 -2.74 4.00 -0.68
C ALA B 30 -3.70 2.82 -0.73
N SER B 31 -4.55 2.68 0.29
CA SER B 31 -5.50 1.60 0.31
C SER B 31 -6.84 2.02 0.89
N LEU B 32 -7.91 1.38 0.41
CA LEU B 32 -9.26 1.64 0.85
C LEU B 32 -9.58 0.72 2.01
N ILE B 33 -9.84 1.29 3.18
CA ILE B 33 -10.21 0.48 4.36
C ILE B 33 -11.69 0.54 4.76
N SER B 34 -12.45 1.48 4.17
CA SER B 34 -13.91 1.53 4.30
C SER B 34 -14.40 2.42 3.17
N ASP B 35 -15.71 2.70 3.11
CA ASP B 35 -16.21 3.58 2.05
C ASP B 35 -15.77 5.06 2.13
N ARG B 36 -15.30 5.51 3.31
CA ARG B 36 -14.88 6.90 3.54
C ARG B 36 -13.39 7.09 3.95
N TRP B 37 -12.63 6.02 4.14
CA TRP B 37 -11.28 6.11 4.70
C TRP B 37 -10.21 5.42 3.86
N VAL B 38 -9.12 6.14 3.63
CA VAL B 38 -7.99 5.66 2.87
C VAL B 38 -6.74 5.69 3.74
N LEU B 39 -5.96 4.60 3.68
CA LEU B 39 -4.74 4.43 4.46
C LEU B 39 -3.53 4.64 3.56
N THR B 40 -2.55 5.39 4.05
CA THR B 40 -1.31 5.63 3.31
C THR B 40 -0.10 5.86 4.26
N ALA B 41 1.06 6.10 3.68
CA ALA B 41 2.26 6.46 4.46
C ALA B 41 2.24 7.96 4.71
N ALA B 42 2.55 8.36 5.94
CA ALA B 42 2.73 9.77 6.31
C ALA B 42 3.63 10.52 5.36
N HIS B 43 4.73 9.90 4.94
CA HIS B 43 5.72 10.62 4.13
C HIS B 43 5.22 10.93 2.71
N CYS B 44 4.14 10.28 2.27
CA CYS B 44 3.44 10.65 1.04
C CYS B 44 2.81 12.03 1.09
N LEU B 45 2.45 12.48 2.30
CA LEU B 45 1.79 13.77 2.53
C LEU B 45 2.69 14.81 3.20
N LEU B 46 3.52 14.37 4.15
CA LEU B 46 4.43 15.25 4.86
C LEU B 46 5.86 14.72 4.84
N TYR B 47 6.76 15.45 4.22
CA TYR B 47 8.18 15.11 4.23
C TYR B 47 9.03 16.39 4.06
N PRO B 48 9.26 17.10 5.18
CA PRO B 48 9.98 18.38 5.13
C PRO B 48 11.36 18.39 4.46
N PRO B 49 12.13 17.28 4.54
CA PRO B 49 13.44 17.30 3.87
C PRO B 49 13.40 17.60 2.37
N TRP B 50 12.32 17.19 1.71
CA TRP B 50 12.07 17.47 0.28
C TRP B 50 10.97 18.52 0.04
N ASP B 51 10.68 19.35 1.05
CA ASP B 51 9.59 20.35 0.99
C ASP B 51 8.25 19.77 0.53
N LYS B 52 7.90 18.60 1.07
N LYS B 52 7.88 18.64 1.12
CA LYS B 52 6.60 17.97 0.83
CA LYS B 52 6.62 18.00 0.85
C LYS B 52 5.68 18.27 2.01
C LYS B 52 5.68 18.27 2.01
N ASN B 53 4.58 18.97 1.73
CA ASN B 53 3.56 19.26 2.74
C ASN B 53 2.21 19.44 2.04
N PHE B 54 1.66 18.32 1.58
CA PHE B 54 0.44 18.34 0.78
C PHE B 54 -0.81 18.57 1.61
N THR B 55 -1.54 19.62 1.26
CA THR B 55 -2.84 19.87 1.85
C THR B 55 -3.92 19.04 1.12
N GLU B 56 -5.14 19.08 1.65
CA GLU B 56 -6.27 18.27 1.14
C GLU B 56 -6.57 18.60 -0.32
N ASN B 57 -6.59 19.89 -0.64
CA ASN B 57 -6.87 20.36 -2.00
C ASN B 57 -5.79 20.11 -3.05
N ASP B 58 -4.59 19.69 -2.63
CA ASP B 58 -3.52 19.38 -3.59
C ASP B 58 -3.68 18.05 -4.32
N LEU B 59 -4.55 17.18 -3.81
CA LEU B 59 -4.56 15.77 -4.19
C LEU B 59 -5.94 15.31 -4.58
N LEU B 60 -5.97 14.24 -5.36
CA LEU B 60 -7.16 13.44 -5.57
C LEU B 60 -6.81 12.00 -5.23
N VAL B 61 -7.82 11.23 -4.84
CA VAL B 61 -7.64 9.79 -4.75
C VAL B 61 -8.44 9.13 -5.86
N ARG B 62 -7.80 8.21 -6.57
CA ARG B 62 -8.41 7.51 -7.67
C ARG B 62 -8.46 6.04 -7.27
N ILE B 63 -9.67 5.52 -7.22
CA ILE B 63 -9.96 4.21 -6.67
C ILE B 63 -10.51 3.35 -7.78
N GLY B 64 -10.15 2.07 -7.80
CA GLY B 64 -10.57 1.14 -8.83
C GLY B 64 -9.73 1.11 -10.09
N LYS B 65 -8.52 1.70 -10.04
CA LYS B 65 -7.67 1.80 -11.22
C LYS B 65 -6.89 0.51 -11.50
N HIS B 66 -6.47 0.40 -12.75
CA HIS B 66 -5.60 -0.65 -13.24
C HIS B 66 -4.50 -0.02 -14.10
N SER B 67 -4.90 0.66 -15.18
CA SER B 67 -3.97 1.48 -15.95
C SER B 67 -3.38 2.60 -15.09
N ARG B 68 -2.08 2.86 -15.25
CA ARG B 68 -1.42 3.96 -14.55
C ARG B 68 -1.94 5.31 -15.03
N THR B 69 -1.94 5.52 -16.35
CA THR B 69 -2.19 6.86 -16.92
C THR B 69 -3.56 7.14 -17.52
N ARG B 70 -4.29 6.11 -17.96
N ARG B 70 -4.29 6.11 -17.95
CA ARG B 70 -5.58 6.32 -18.63
CA ARG B 70 -5.59 6.31 -18.60
C ARG B 70 -6.63 6.73 -17.60
C ARG B 70 -6.64 6.71 -17.59
N TYR B 71 -7.62 7.51 -18.04
CA TYR B 71 -8.82 7.78 -17.26
C TYR B 71 -9.74 6.60 -17.54
N GLU B 72 -9.95 5.74 -16.56
CA GLU B 72 -10.65 4.48 -16.77
C GLU B 72 -12.15 4.70 -16.58
N ARG B 73 -12.73 5.24 -17.66
CA ARG B 73 -14.15 5.60 -17.74
CA ARG B 73 -14.14 5.60 -17.72
C ARG B 73 -15.02 4.42 -17.35
N ASN B 74 -16.02 4.68 -16.51
CA ASN B 74 -16.94 3.67 -15.98
C ASN B 74 -16.32 2.65 -15.01
N ILE B 75 -15.05 2.84 -14.62
CA ILE B 75 -14.37 1.88 -13.76
C ILE B 75 -13.86 2.58 -12.51
N GLU B 76 -12.95 3.53 -12.69
CA GLU B 76 -12.39 4.24 -11.56
C GLU B 76 -13.35 5.28 -11.01
N LYS B 77 -13.19 5.56 -9.73
CA LYS B 77 -13.93 6.62 -9.06
C LYS B 77 -12.91 7.56 -8.45
N ILE B 78 -13.20 8.86 -8.53
CA ILE B 78 -12.26 9.88 -8.08
C ILE B 78 -12.90 10.66 -6.94
N SER B 79 -12.20 10.69 -5.80
CA SER B 79 -12.71 11.37 -4.61
C SER B 79 -11.76 12.47 -4.16
N MET B 80 -12.36 13.55 -3.69
CA MET B 80 -11.65 14.62 -3.01
C MET B 80 -11.49 14.25 -1.56
N LEU B 81 -10.44 14.81 -0.95
CA LEU B 81 -10.14 14.61 0.47
C LEU B 81 -10.85 15.63 1.35
N GLU B 82 -11.53 15.14 2.38
CA GLU B 82 -12.08 15.99 3.42
C GLU B 82 -11.01 16.40 4.43
N LYS B 83 -10.24 15.43 4.90
CA LYS B 83 -9.23 15.71 5.92
C LYS B 83 -8.12 14.67 5.94
N ILE B 84 -6.91 15.16 6.17
CA ILE B 84 -5.70 14.35 6.31
C ILE B 84 -5.39 14.24 7.81
N TYR B 85 -5.03 13.03 8.23
CA TYR B 85 -4.62 12.77 9.61
C TYR B 85 -3.29 12.04 9.60
N ILE B 86 -2.27 12.69 10.15
CA ILE B 86 -0.93 12.14 10.18
C ILE B 86 -0.67 11.70 11.62
N HIS B 87 -0.06 10.54 11.81
CA HIS B 87 0.29 10.07 13.16
C HIS B 87 1.12 11.16 13.83
N PRO B 88 0.74 11.59 15.06
CA PRO B 88 1.43 12.72 15.70
C PRO B 88 2.89 12.42 16.08
N ARG B 89 3.23 11.15 16.27
CA ARG B 89 4.62 10.74 16.47
C ARG B 89 5.30 10.13 15.22
N TYR B 90 4.79 10.46 14.03
CA TYR B 90 5.49 10.17 12.77
C TYR B 90 6.90 10.81 12.80
N ASN B 91 7.95 10.00 12.65
CA ASN B 91 9.34 10.49 12.80
C ASN B 91 10.03 10.66 11.44
N TRP B 92 9.69 11.73 10.74
CA TRP B 92 10.37 12.09 9.49
C TRP B 92 11.84 12.48 9.66
N ARG B 93 12.25 12.90 10.87
CA ARG B 93 13.62 13.36 11.10
C ARG B 93 14.71 12.31 11.02
N GLU B 94 14.37 11.04 11.24
CA GLU B 94 15.36 10.00 11.36
C GLU B 94 15.08 8.79 10.47
N ASN B 95 14.12 7.96 10.86
CA ASN B 95 13.99 6.61 10.31
C ASN B 95 12.59 6.27 9.83
N LEU B 96 11.75 7.30 9.67
CA LEU B 96 10.35 7.15 9.27
C LEU B 96 9.51 6.25 10.20
N ASP B 97 9.86 6.23 11.49
CA ASP B 97 9.09 5.52 12.49
C ASP B 97 7.65 6.05 12.50
N ARG B 98 6.68 5.14 12.58
CA ARG B 98 5.25 5.45 12.56
C ARG B 98 4.85 6.18 11.30
N ASP B 99 5.23 5.60 10.17
CA ASP B 99 5.00 6.20 8.86
C ASP B 99 3.61 5.80 8.37
N ILE B 100 2.61 6.54 8.87
CA ILE B 100 1.22 6.19 8.63
C ILE B 100 0.33 7.44 8.68
N ALA B 101 -0.65 7.46 7.78
CA ALA B 101 -1.61 8.55 7.71
C ALA B 101 -2.95 8.06 7.23
N LEU B 102 -4.01 8.73 7.68
CA LEU B 102 -5.37 8.47 7.22
C LEU B 102 -5.90 9.66 6.42
N MET B 103 -6.76 9.37 5.44
CA MET B 103 -7.43 10.38 4.67
C MET B 103 -8.91 10.07 4.68
N LYS B 104 -9.70 11.00 5.18
CA LYS B 104 -11.16 10.90 5.17
C LYS B 104 -11.65 11.50 3.86
N LEU B 105 -12.50 10.76 3.16
CA LEU B 105 -13.05 11.22 1.88
C LEU B 105 -14.27 12.10 2.09
N LYS B 106 -14.47 13.02 1.16
CA LYS B 106 -15.59 13.96 1.17
C LYS B 106 -16.93 13.23 1.20
N LYS B 107 -17.03 12.17 0.41
CA LYS B 107 -18.27 11.37 0.26
C LYS B 107 -17.90 9.89 0.20
N PRO B 108 -18.85 9.01 0.58
CA PRO B 108 -18.57 7.59 0.49
C PRO B 108 -18.41 7.14 -0.96
N VAL B 109 -17.39 6.34 -1.24
CA VAL B 109 -17.22 5.70 -2.56
C VAL B 109 -18.09 4.45 -2.63
N ALA B 110 -18.78 4.26 -3.76
CA ALA B 110 -19.58 3.05 -3.98
C ALA B 110 -18.68 1.86 -4.36
N PHE B 111 -18.92 0.71 -3.74
CA PHE B 111 -18.15 -0.50 -4.02
C PHE B 111 -18.59 -1.13 -5.35
N SER B 112 -17.73 -1.96 -5.92
CA SER B 112 -17.99 -2.52 -7.26
C SER B 112 -17.11 -3.76 -7.40
N ASP B 113 -17.09 -4.35 -8.58
CA ASP B 113 -16.12 -5.40 -8.90
C ASP B 113 -14.65 -4.94 -8.74
N TYR B 114 -14.43 -3.64 -8.87
CA TYR B 114 -13.09 -3.06 -8.94
C TYR B 114 -12.68 -2.29 -7.69
N ILE B 115 -13.64 -2.12 -6.78
CA ILE B 115 -13.49 -1.24 -5.64
C ILE B 115 -14.09 -1.94 -4.43
N HIS B 116 -13.23 -2.25 -3.47
CA HIS B 116 -13.63 -3.03 -2.31
C HIS B 116 -12.59 -2.88 -1.20
N PRO B 117 -13.03 -2.71 0.06
CA PRO B 117 -12.03 -2.46 1.12
C PRO B 117 -11.29 -3.73 1.59
N VAL B 118 -10.04 -3.53 2.00
CA VAL B 118 -9.20 -4.57 2.62
C VAL B 118 -9.46 -4.59 4.14
N CYS B 119 -9.24 -5.73 4.78
CA CYS B 119 -9.35 -5.81 6.24
C CYS B 119 -8.11 -5.27 6.94
N LEU B 120 -8.29 -4.80 8.16
CA LEU B 120 -7.15 -4.51 9.05
C LEU B 120 -7.02 -5.64 10.05
N PRO B 121 -5.78 -6.06 10.33
CA PRO B 121 -5.57 -7.21 11.21
C PRO B 121 -5.90 -6.89 12.67
N ASP B 122 -6.36 -7.90 13.39
CA ASP B 122 -6.39 -7.85 14.85
C ASP B 122 -5.13 -8.54 15.38
N ARG B 123 -4.94 -8.53 16.69
CA ARG B 123 -3.75 -9.11 17.32
C ARG B 123 -3.44 -10.56 16.87
N GLU B 124 -4.50 -11.36 16.77
CA GLU B 124 -4.38 -12.79 16.48
C GLU B 124 -3.90 -13.00 15.04
N THR B 125 -4.50 -12.24 14.13
CA THR B 125 -4.11 -12.24 12.73
C THR B 125 -2.63 -11.86 12.57
N ALA B 126 -2.23 -10.79 13.25
CA ALA B 126 -0.84 -10.34 13.24
C ALA B 126 0.08 -11.42 13.75
N ALA B 127 -0.23 -11.95 14.94
CA ALA B 127 0.59 -13.02 15.54
C ALA B 127 0.70 -14.23 14.61
N SER B 128 -0.41 -14.61 13.97
CA SER B 128 -0.42 -15.77 13.06
C SER B 128 0.44 -15.58 11.81
N LEU B 129 0.27 -14.43 11.16
CA LEU B 129 0.78 -14.22 9.81
C LEU B 129 2.13 -13.51 9.73
N LEU B 130 2.43 -12.63 10.67
CA LEU B 130 3.68 -11.86 10.60
C LEU B 130 4.82 -12.68 11.11
N GLN B 131 5.29 -13.59 10.26
CA GLN B 131 6.35 -14.52 10.60
C GLN B 131 7.35 -14.57 9.46
N ALA B 132 8.64 -14.64 9.81
CA ALA B 132 9.71 -14.78 8.84
C ALA B 132 9.44 -15.96 7.91
N GLY B 133 9.54 -15.73 6.60
CA GLY B 133 9.24 -16.74 5.60
C GLY B 133 7.84 -16.61 4.98
N TYR B 134 6.88 -16.10 5.75
CA TYR B 134 5.50 -15.96 5.25
C TYR B 134 5.51 -14.83 4.23
N LYS B 135 4.84 -15.06 3.11
CA LYS B 135 4.85 -14.10 2.02
C LYS B 135 3.63 -13.22 2.07
N GLY B 136 3.84 -11.93 1.81
CA GLY B 136 2.78 -10.98 1.54
C GLY B 136 2.91 -10.48 0.13
N ARG B 137 2.00 -9.60 -0.24
CA ARG B 137 1.89 -9.09 -1.59
C ARG B 137 1.88 -7.57 -1.59
N VAL B 138 2.76 -6.99 -2.42
CA VAL B 138 2.89 -5.54 -2.57
C VAL B 138 2.47 -5.18 -4.00
N THR B 139 1.70 -4.11 -4.12
CA THR B 139 1.17 -3.63 -5.39
C THR B 139 1.42 -2.13 -5.57
N GLY B 140 1.56 -1.69 -6.82
CA GLY B 140 1.74 -0.28 -7.09
C GLY B 140 2.04 0.05 -8.53
N TRP B 141 2.06 1.35 -8.79
CA TRP B 141 2.35 1.90 -10.12
C TRP B 141 3.70 2.61 -10.14
N GLY B 142 4.54 2.34 -9.14
CA GLY B 142 5.85 2.95 -9.04
C GLY B 142 6.78 2.43 -10.11
N ASN B 143 8.02 2.92 -10.09
CA ASN B 143 8.94 2.62 -11.18
C ASN B 143 9.36 1.15 -11.20
N LEU B 144 9.64 0.67 -12.42
CA LEU B 144 10.04 -0.70 -12.66
C LEU B 144 11.52 -0.96 -12.35
N LYS B 145 12.30 0.12 -12.26
CA LYS B 145 13.74 0.03 -11.97
C LYS B 145 14.18 1.24 -11.14
N GLU B 146 15.32 1.08 -10.48
CA GLU B 146 15.96 2.20 -9.81
C GLU B 146 16.42 3.25 -10.85
N THR B 147 16.92 2.78 -11.99
CA THR B 147 17.40 3.62 -13.11
C THR B 147 18.63 4.42 -12.72
N LYS B 154 11.78 1.26 -21.01
CA LYS B 154 10.64 1.58 -20.18
C LYS B 154 10.92 1.43 -18.70
N GLY B 155 10.84 2.54 -17.97
CA GLY B 155 11.01 2.58 -16.52
C GLY B 155 9.71 2.63 -15.74
N GLN B 156 8.59 2.91 -16.42
CA GLN B 156 7.29 3.06 -15.74
C GLN B 156 6.25 2.11 -16.32
N PRO B 157 5.39 1.53 -15.46
CA PRO B 157 4.48 0.49 -15.91
C PRO B 157 3.25 1.04 -16.62
N SER B 158 2.74 0.26 -17.58
CA SER B 158 1.46 0.56 -18.23
C SER B 158 0.30 0.30 -17.24
N VAL B 159 0.39 -0.79 -16.49
CA VAL B 159 -0.65 -1.16 -15.54
C VAL B 159 -0.11 -1.51 -14.16
N LEU B 160 -1.01 -1.58 -13.19
CA LEU B 160 -0.72 -1.94 -11.81
C LEU B 160 0.15 -3.20 -11.71
N GLN B 161 1.20 -3.13 -10.88
CA GLN B 161 2.15 -4.22 -10.74
C GLN B 161 1.97 -4.92 -9.40
N VAL B 162 2.35 -6.19 -9.36
CA VAL B 162 2.19 -7.00 -8.15
C VAL B 162 3.46 -7.83 -7.96
N VAL B 163 3.87 -7.97 -6.71
CA VAL B 163 4.95 -8.90 -6.37
C VAL B 163 4.70 -9.48 -4.97
N ASN B 164 4.92 -10.78 -4.84
CA ASN B 164 4.85 -11.49 -3.56
C ASN B 164 6.26 -11.57 -2.96
N LEU B 165 6.40 -11.22 -1.69
CA LEU B 165 7.70 -11.15 -1.03
C LEU B 165 7.64 -11.73 0.37
N PRO B 166 8.66 -12.52 0.76
CA PRO B 166 8.68 -13.09 2.10
C PRO B 166 9.04 -12.05 3.17
N ILE B 167 8.37 -12.12 4.31
CA ILE B 167 8.78 -11.38 5.51
C ILE B 167 10.17 -11.89 5.96
N VAL B 168 11.03 -10.98 6.37
CA VAL B 168 12.42 -11.31 6.72
C VAL B 168 12.63 -11.26 8.25
N GLU B 169 13.48 -12.15 8.76
CA GLU B 169 13.85 -12.21 10.18
C GLU B 169 14.37 -10.84 10.63
N ARG B 170 13.96 -10.39 11.81
CA ARG B 170 14.27 -9.05 12.30
C ARG B 170 15.80 -8.73 12.39
N PRO B 171 16.63 -9.67 12.89
CA PRO B 171 18.08 -9.43 12.88
C PRO B 171 18.69 -9.26 11.48
N VAL B 172 18.17 -9.99 10.49
CA VAL B 172 18.61 -9.85 9.10
C VAL B 172 18.22 -8.45 8.57
N CYS B 173 17.00 -8.00 8.88
CA CYS B 173 16.59 -6.62 8.53
C CYS B 173 17.57 -5.58 9.10
N LYS B 174 17.82 -5.67 10.40
CA LYS B 174 18.72 -4.75 11.10
C LYS B 174 20.14 -4.76 10.51
N ASP B 175 20.64 -5.96 10.23
CA ASP B 175 21.99 -6.13 9.69
C ASP B 175 22.19 -5.70 8.23
N SER B 176 21.10 -5.34 7.53
CA SER B 176 21.18 -4.90 6.14
C SER B 176 21.35 -3.39 5.99
N THR B 177 21.25 -2.64 7.10
CA THR B 177 21.17 -1.19 7.04
C THR B 177 21.84 -0.56 8.27
N ARG B 178 22.23 0.70 8.11
CA ARG B 178 22.68 1.54 9.24
C ARG B 178 21.54 2.23 9.96
N ILE B 179 20.36 2.24 9.35
CA ILE B 179 19.22 2.95 9.91
C ILE B 179 18.74 2.17 11.13
N ARG B 180 18.37 2.90 12.18
CA ARG B 180 17.76 2.28 13.35
C ARG B 180 16.34 1.81 13.06
N ILE B 181 16.15 0.49 13.12
CA ILE B 181 14.84 -0.14 12.89
C ILE B 181 14.06 -0.09 14.21
N THR B 182 12.74 -0.02 14.14
CA THR B 182 11.89 -0.04 15.33
C THR B 182 10.88 -1.18 15.20
N ASP B 183 10.21 -1.48 16.30
CA ASP B 183 9.11 -2.46 16.31
C ASP B 183 7.91 -2.06 15.44
N ASN B 184 7.82 -0.79 15.05
CA ASN B 184 6.76 -0.29 14.16
C ASN B 184 7.04 -0.51 12.68
N MET B 185 8.14 -1.20 12.37
CA MET B 185 8.51 -1.58 11.02
C MET B 185 8.79 -3.05 10.92
N PHE B 186 8.59 -3.59 9.72
CA PHE B 186 9.16 -4.87 9.36
C PHE B 186 9.75 -4.76 7.98
N CYS B 187 10.61 -5.73 7.64
CA CYS B 187 11.16 -5.78 6.30
C CYS B 187 10.78 -7.07 5.58
N ALA B 188 10.74 -6.96 4.25
CA ALA B 188 10.39 -8.10 3.39
C ALA B 188 11.23 -8.08 2.13
N GLY B 189 11.39 -9.25 1.51
CA GLY B 189 12.16 -9.38 0.28
C GLY B 189 13.03 -10.62 0.35
N TYR B 190 13.49 -11.07 -0.82
CA TYR B 190 14.35 -12.25 -0.90
C TYR B 190 15.81 -11.90 -0.58
N LYS B 191 16.53 -12.91 -0.10
CA LYS B 191 17.95 -12.83 0.15
C LYS B 191 18.68 -13.08 -1.16
N PRO B 192 19.97 -12.71 -1.26
CA PRO B 192 20.77 -13.00 -2.46
C PRO B 192 20.79 -14.46 -2.85
N ASP B 193 20.89 -15.36 -1.88
CA ASP B 193 20.94 -16.81 -2.15
C ASP B 193 19.60 -17.44 -2.52
N GLU B 194 18.50 -16.74 -2.29
CA GLU B 194 17.17 -17.25 -2.64
C GLU B 194 16.85 -17.19 -4.14
N GLY B 195 17.61 -16.41 -4.92
CA GLY B 195 17.44 -16.40 -6.39
C GLY B 195 16.34 -15.48 -6.91
N LYS B 196 15.14 -15.60 -6.35
CA LYS B 196 14.00 -14.75 -6.74
C LYS B 196 14.22 -13.31 -6.30
N ARG B 197 13.55 -12.38 -6.98
CA ARG B 197 13.78 -10.96 -6.80
C ARG B 197 12.46 -10.24 -6.55
N GLY B 198 12.57 -8.96 -6.25
CA GLY B 198 11.38 -8.12 -6.15
C GLY B 198 11.45 -7.10 -5.05
N ASP B 199 10.85 -5.95 -5.31
CA ASP B 199 10.84 -4.87 -4.35
C ASP B 199 9.86 -3.81 -4.80
N ALA B 200 9.48 -2.96 -3.85
CA ALA B 200 8.84 -1.68 -4.15
C ALA B 200 9.88 -0.68 -4.61
N CYS B 201 9.42 0.33 -5.33
CA CYS B 201 10.31 1.40 -5.80
C CYS B 201 9.55 2.72 -5.81
N GLU B 202 10.24 3.76 -6.26
CA GLU B 202 9.70 5.13 -6.28
C GLU B 202 8.27 5.20 -6.86
N GLY B 203 7.33 5.69 -6.04
CA GLY B 203 5.92 5.79 -6.42
C GLY B 203 5.04 4.69 -5.82
N ASP B 204 5.65 3.60 -5.35
CA ASP B 204 4.94 2.54 -4.63
C ASP B 204 4.65 2.89 -3.17
N SER B 205 5.40 3.87 -2.64
CA SER B 205 5.16 4.37 -1.27
C SER B 205 3.71 4.56 -0.95
N GLY B 206 3.36 4.17 0.27
CA GLY B 206 2.01 4.30 0.78
C GLY B 206 1.07 3.17 0.41
N GLY B 207 1.46 2.32 -0.53
CA GLY B 207 0.68 1.17 -0.90
C GLY B 207 0.69 0.06 0.12
N PRO B 208 -0.23 -0.91 -0.04
CA PRO B 208 -0.41 -1.96 0.93
C PRO B 208 0.50 -3.17 0.71
N PHE B 209 0.92 -3.77 1.82
CA PHE B 209 1.50 -5.11 1.89
C PHE B 209 0.41 -5.96 2.53
N VAL B 210 -0.14 -6.90 1.75
CA VAL B 210 -1.29 -7.67 2.17
C VAL B 210 -0.97 -9.15 2.28
N MET B 211 -1.75 -9.83 3.10
CA MET B 211 -1.64 -11.27 3.29
C MET B 211 -3.04 -11.87 3.31
N LYS B 212 -3.18 -13.06 2.73
CA LYS B 212 -4.47 -13.76 2.72
C LYS B 212 -4.52 -14.73 3.89
N SER B 213 -5.41 -14.48 4.85
CA SER B 213 -5.55 -15.40 5.95
C SER B 213 -5.97 -16.79 5.43
N PRO B 214 -5.21 -17.85 5.81
CA PRO B 214 -5.65 -19.19 5.47
C PRO B 214 -6.78 -19.67 6.40
N PHE B 215 -7.10 -18.91 7.44
CA PHE B 215 -8.14 -19.30 8.41
C PHE B 215 -9.52 -18.86 7.95
N ASN B 216 -9.63 -17.65 7.41
CA ASN B 216 -10.93 -17.15 6.96
C ASN B 216 -10.98 -16.66 5.50
N ASN B 217 -9.90 -16.90 4.73
CA ASN B 217 -9.79 -16.56 3.29
CA ASN B 217 -9.91 -16.57 3.29
C ASN B 217 -9.98 -15.06 2.98
N ARG B 218 -9.70 -14.21 3.96
CA ARG B 218 -9.77 -12.76 3.78
C ARG B 218 -8.37 -12.13 3.66
N TRP B 219 -8.28 -11.08 2.87
CA TRP B 219 -7.07 -10.30 2.73
C TRP B 219 -6.94 -9.25 3.82
N TYR B 220 -5.78 -9.22 4.45
CA TYR B 220 -5.46 -8.29 5.54
C TYR B 220 -4.25 -7.44 5.14
N GLN B 221 -4.35 -6.13 5.39
CA GLN B 221 -3.22 -5.24 5.17
C GLN B 221 -2.34 -5.23 6.41
N MET B 222 -1.19 -5.89 6.29
CA MET B 222 -0.22 -6.00 7.39
C MET B 222 0.81 -4.89 7.36
N GLY B 223 1.08 -4.34 6.18
CA GLY B 223 2.06 -3.26 6.04
C GLY B 223 1.70 -2.16 5.07
N ILE B 224 2.46 -1.07 5.18
CA ILE B 224 2.41 0.02 4.24
C ILE B 224 3.82 0.21 3.69
N VAL B 225 3.96 0.36 2.37
CA VAL B 225 5.27 0.57 1.74
C VAL B 225 5.85 1.88 2.30
N SER B 226 7.00 1.79 2.99
CA SER B 226 7.58 2.93 3.70
C SER B 226 8.90 3.35 3.07
N TRP B 227 9.94 2.53 3.17
CA TRP B 227 11.25 2.91 2.66
C TRP B 227 12.15 1.74 2.29
N GLY B 228 13.23 2.06 1.58
CA GLY B 228 14.32 1.12 1.35
C GLY B 228 15.52 1.84 0.80
N GLU B 229 16.61 1.11 0.63
CA GLU B 229 17.86 1.65 0.13
C GLU B 229 18.02 1.18 -1.30
N GLY B 230 17.67 2.03 -2.25
CA GLY B 230 17.54 1.63 -3.65
C GLY B 230 16.29 0.79 -3.84
N CYS B 231 16.26 0.06 -4.94
CA CYS B 231 15.15 -0.82 -5.26
C CYS B 231 15.69 -2.14 -5.75
N ASP B 232 15.30 -3.22 -5.09
CA ASP B 232 15.70 -4.58 -5.47
C ASP B 232 17.22 -4.75 -5.51
N ARG B 233 17.94 -4.14 -4.56
CA ARG B 233 19.39 -4.35 -4.43
C ARG B 233 19.66 -5.61 -3.62
N ASP B 234 20.61 -6.42 -4.06
CA ASP B 234 21.03 -7.61 -3.32
C ASP B 234 21.47 -7.22 -1.90
N GLY B 235 20.97 -7.93 -0.90
CA GLY B 235 21.34 -7.67 0.49
C GLY B 235 20.63 -6.49 1.13
N LYS B 236 19.69 -5.88 0.41
CA LYS B 236 18.81 -4.87 0.96
C LYS B 236 17.39 -5.40 0.93
N TYR B 237 16.53 -4.75 1.69
CA TYR B 237 15.17 -5.19 1.89
C TYR B 237 14.26 -3.96 1.90
N GLY B 238 13.00 -4.15 1.58
CA GLY B 238 12.00 -3.09 1.68
C GLY B 238 11.49 -3.04 3.11
N PHE B 239 11.21 -1.83 3.59
CA PHE B 239 10.72 -1.63 4.95
C PHE B 239 9.30 -1.13 4.92
N TYR B 240 8.47 -1.70 5.78
CA TYR B 240 7.04 -1.52 5.75
C TYR B 240 6.56 -1.06 7.12
N THR B 241 5.61 -0.14 7.14
CA THR B 241 4.98 0.25 8.39
C THR B 241 4.14 -0.92 8.93
N HIS B 242 4.28 -1.21 10.22
CA HIS B 242 3.63 -2.37 10.87
C HIS B 242 2.20 -1.93 11.26
N VAL B 243 1.24 -2.27 10.41
CA VAL B 243 -0.13 -1.74 10.54
C VAL B 243 -0.76 -2.08 11.89
N PHE B 244 -0.66 -3.35 12.30
CA PHE B 244 -1.27 -3.75 13.55
C PHE B 244 -0.74 -2.96 14.75
N ARG B 245 0.57 -2.69 14.77
CA ARG B 245 1.19 -1.94 15.89
C ARG B 245 0.63 -0.54 16.07
N LEU B 246 0.10 0.04 14.98
CA LEU B 246 -0.41 1.38 14.98
C LEU B 246 -1.94 1.41 14.88
N LYS B 247 -2.60 0.24 15.06
CA LYS B 247 -4.03 0.14 14.83
C LYS B 247 -4.83 0.90 15.90
N LYS B 248 -4.31 0.98 17.13
CA LYS B 248 -4.95 1.76 18.18
C LYS B 248 -5.11 3.22 17.75
N TRP B 249 -4.09 3.79 17.13
CA TRP B 249 -4.20 5.13 16.54
C TRP B 249 -5.23 5.16 15.39
N ILE B 250 -5.17 4.18 14.50
CA ILE B 250 -6.12 4.10 13.39
C ILE B 250 -7.56 4.13 13.94
N GLN B 251 -7.84 3.22 14.87
N GLN B 251 -7.85 3.24 14.88
CA GLN B 251 -9.14 3.10 15.52
CA GLN B 251 -9.16 3.13 15.49
C GLN B 251 -9.60 4.38 16.21
C GLN B 251 -9.61 4.41 16.20
N LYS B 252 -8.68 5.07 16.89
CA LYS B 252 -9.02 6.32 17.61
C LYS B 252 -9.40 7.46 16.66
N VAL B 253 -8.67 7.59 15.55
CA VAL B 253 -8.97 8.61 14.53
C VAL B 253 -10.34 8.34 13.92
N ILE B 254 -10.57 7.10 13.47
CA ILE B 254 -11.86 6.75 12.85
C ILE B 254 -13.01 6.93 13.84
N ASP B 255 -12.85 6.44 15.06
CA ASP B 255 -13.90 6.53 16.09
C ASP B 255 -14.33 7.96 16.41
N GLN B 256 -13.41 8.91 16.40
CA GLN B 256 -13.76 10.29 16.74
C GLN B 256 -14.08 11.18 15.54
N PHE B 257 -13.54 10.86 14.35
CA PHE B 257 -13.78 11.70 13.17
C PHE B 257 -14.71 11.10 12.10
N GLY B 258 -14.97 9.79 12.19
CA GLY B 258 -15.69 9.06 11.15
C GLY B 258 -17.20 9.14 11.26
N GLN C 5 22.45 6.77 9.80
CA GLN C 5 21.96 7.66 8.69
C GLN C 5 20.45 7.93 8.82
N THR C 6 19.87 8.60 7.81
CA THR C 6 18.42 8.86 7.75
C THR C 6 17.76 7.94 6.70
N ALA C 7 16.54 7.49 6.99
CA ALA C 7 15.81 6.61 6.06
C ALA C 7 15.31 7.39 4.86
N VAL C 8 15.37 6.76 3.69
CA VAL C 8 15.01 7.39 2.42
C VAL C 8 13.68 6.83 1.92
N PRO C 9 12.61 7.66 1.92
CA PRO C 9 11.30 7.17 1.51
C PRO C 9 11.20 6.82 0.01
N LYS C 10 10.39 5.80 -0.32
CA LYS C 10 10.08 5.44 -1.73
C LYS C 10 8.96 6.30 -2.31
N ASP D 9 2.30 10.38 -20.29
CA ASP D 9 1.72 10.93 -19.03
C ASP D 9 0.19 10.91 -19.07
N PHE D 10 -0.45 11.60 -18.13
CA PHE D 10 -1.77 11.23 -17.68
C PHE D 10 -2.87 11.83 -18.52
N GLU D 11 -3.84 10.99 -18.88
CA GLU D 11 -5.03 11.43 -19.58
C GLU D 11 -5.87 12.33 -18.66
N GLU D 12 -6.52 13.34 -19.26
CA GLU D 12 -7.32 14.31 -18.53
C GLU D 12 -8.46 13.62 -17.80
N ILE D 13 -8.74 14.10 -16.60
CA ILE D 13 -9.89 13.65 -15.81
C ILE D 13 -11.01 14.66 -16.08
N PRO D 14 -12.23 14.19 -16.44
CA PRO D 14 -13.33 15.15 -16.68
C PRO D 14 -13.82 15.83 -15.39
N SER D 15 -14.15 17.12 -15.49
CA SER D 15 -14.54 17.95 -14.35
C SER D 15 -15.78 17.44 -13.62
N ASP D 16 -16.77 16.98 -14.39
CA ASP D 16 -18.02 16.45 -13.83
C ASP D 16 -17.85 15.17 -12.97
N GLU D 17 -16.74 14.46 -13.16
CA GLU D 17 -16.50 13.17 -12.47
C GLU D 17 -15.84 13.26 -11.08
N ILE D 18 -15.47 14.46 -10.63
CA ILE D 18 -14.75 14.64 -9.37
C ILE D 18 -15.75 14.75 -8.22
#